data_8R6H
#
_entry.id   8R6H
#
loop_
_entity.id
_entity.type
_entity.pdbx_description
1 polymer 'DNA (34-MER)'
2 non-polymer N2,N9-bis(1-methylquinolin-3-yl)-1,10-phenanthroline-2,9-dicarboxamide
#
_entity_poly.entity_id   1
_entity_poly.type   'polydeoxyribonucleotide'
_entity_poly.pdbx_seq_one_letter_code
;(DG)(DG)(DG)(DC)(DG)(DC)(DG)(DA)(DA)(DG)(DC)(DA)(DT)(DT)(DC)(DG)(DC)(DG)(DG)(DG)
(DG)(DT)(DT)(DA)(DG)(DG)(DG)(DT)(DT)(DA)(DG)(DG)(DG)
;
_entity_poly.pdbx_strand_id   A
#
loop_
_chem_comp.id
_chem_comp.type
_chem_comp.name
_chem_comp.formula
DA DNA linking 2'-DEOXYADENOSINE-5'-MONOPHOSPHATE 'C10 H14 N5 O6 P'
DC DNA linking 2'-DEOXYCYTIDINE-5'-MONOPHOSPHATE 'C9 H14 N3 O7 P'
DG DNA linking 2'-DEOXYGUANOSINE-5'-MONOPHOSPHATE 'C10 H14 N5 O7 P'
DT DNA linking THYMIDINE-5'-MONOPHOSPHATE 'C10 H15 N2 O8 P'
PQ3 non-polymer N2,N9-bis(1-methylquinolin-3-yl)-1,10-phenanthroline-2,9-dicarboxamide 'C34 H26 N6 O2 2'
#
# COMPACT_ATOMS: atom_id res chain seq x y z
C4 PQ3 B . 2.51 0.37 5.22
C5 PQ3 B . 1.85 0.23 3.94
C3 PQ3 B . 3.55 1.29 5.37
C2 PQ3 B . 3.95 2.07 4.26
C17 PQ3 B . 3.25 1.90 3.01
C17' PQ3 B . 3.65 2.68 1.88
C2' PQ3 B . 4.76 3.58 2.03
C1 PQ3 B . 5.01 2.98 4.37
C9 PQ3 B . -3.32 -4.15 3.56
C13 PQ3 B . -3.34 -3.56 -1.65
C5' PQ3 B . 3.40 3.28 -0.40
C6 PQ3 B . 0.79 -0.77 3.83
C1' PQ3 B . 5.42 3.73 3.27
C3' PQ3 B . 5.18 4.32 0.92
C4' PQ3 B . 4.53 4.17 -0.31
C6' PQ3 B . 2.70 3.20 -1.70
C12 PQ3 B . -4.12 -4.38 -0.81
C7' PQ3 B . 0.72 2.18 -2.88
C16' PQ3 B . -0.45 1.40 -2.64
C15' PQ3 B . -1.28 1.00 -3.72
C10' PQ3 B . -1.03 1.39 -5.09
C8' PQ3 B . 0.90 2.60 -4.16
C14' PQ3 B . -2.37 0.13 -3.45
C11 PQ3 B . -3.89 -4.36 0.57
C11' PQ3 B . -1.83 0.84 -6.11
C13' PQ3 B . -3.17 -0.37 -4.49
C12' PQ3 B . -2.90 -0.03 -5.82
C14 PQ3 B . -2.34 -2.74 -1.10
C7 PQ3 B . -0.85 -1.74 2.19
C8 PQ3 B . -1.62 -2.50 2.99
C16 PQ3 B . -1.11 -1.84 0.79
C15 PQ3 B . -2.12 -2.69 0.30
C10 PQ3 B . -2.93 -3.52 1.16
C9' PQ3 B . 0.22 3.06 -6.45
N1 PQ3 B . 2.23 1.01 2.90
N2 PQ3 B . 0.17 -0.85 2.63
N3' PQ3 B . 0.02 2.31 -5.19
N2' PQ3 B . 1.60 2.44 -1.78
N1' PQ3 B . 3.01 2.56 0.68
N3 PQ3 B . -2.60 -3.36 2.53
O1' PQ3 B . 3.09 3.84 -2.68
O1 PQ3 B . 0.48 -1.52 4.75
HH PQ3 B . 2.20 -0.23 6.07
HJ PQ3 B . 4.06 1.41 6.32
HK PQ3 B . 5.53 3.10 5.32
HI1 PQ3 B . -3.36 -3.59 4.50
HI2 PQ3 B . -2.79 -5.09 3.74
HI3 PQ3 B . -4.34 -4.36 3.26
HE PQ3 B . -3.50 -3.57 -2.72
HK' PQ3 B . 6.25 4.41 3.36
HJ' PQ3 B . 6.01 5.02 1.01
HH' PQ3 B . 4.86 4.72 -1.17
HF PQ3 B . -4.87 -5.02 -1.24
HB' PQ3 B . -0.70 1.09 -1.65
HC' PQ3 B . 1.75 3.20 -4.40
HD' PQ3 B . -2.58 -0.17 -2.44
HG PQ3 B . -4.47 -5.03 1.19
HG' PQ3 B . -1.63 1.11 -7.14
HE' PQ3 B . -3.99 -1.03 -4.26
HF' PQ3 B . -3.50 -0.44 -6.62
HD PQ3 B . -1.72 -2.16 -1.76
HC PQ3 B . -1.48 -2.46 4.06
HB PQ3 B . -0.52 -1.24 0.10
HI2' PQ3 B . 0.89 2.50 -7.11
HI3' PQ3 B . 0.67 4.04 -6.26
HI1' PQ3 B . -0.72 3.22 -6.96
HA PQ3 B . 0.52 -0.22 1.93
HA' PQ3 B . 1.34 1.97 -0.93
C4 PQ3 B . 2.33 -0.10 5.22
C5 PQ3 B . 1.59 -0.26 3.99
C3 PQ3 B . 3.37 0.83 5.30
C2 PQ3 B . 3.68 1.61 4.16
C17 PQ3 B . 2.92 1.43 2.95
C17' PQ3 B . 3.25 2.18 1.79
C2' PQ3 B . 4.34 3.12 1.87
C1 PQ3 B . 4.73 2.55 4.21
C9 PQ3 B . -3.65 -4.56 3.86
C13 PQ3 B . -3.89 -3.98 -1.33
C5' PQ3 B . 2.87 2.71 -0.48
C6 PQ3 B . 0.53 -1.25 3.93
C1' PQ3 B . 5.06 3.29 3.06
C3' PQ3 B . 4.69 3.85 0.72
C4' PQ3 B . 3.97 3.64 -0.46
C6' PQ3 B . 2.11 2.59 -1.75
C12 PQ3 B . -4.68 -4.73 -0.46
C7' PQ3 B . 0.11 1.47 -2.78
C16' PQ3 B . -1.09 0.77 -2.43
C15' PQ3 B . -2.00 0.35 -3.42
C10' PQ3 B . -1.81 0.63 -4.82
C8' PQ3 B . 0.24 1.77 -4.10
C14' PQ3 B . -3.12 -0.41 -3.02
C11 PQ3 B . -4.41 -4.71 0.92
C11' PQ3 B . -2.74 0.10 -5.76
C13' PQ3 B . -4.03 -0.92 -3.98
C12' PQ3 B . -3.82 -0.67 -5.34
C14 PQ3 B . -2.84 -3.20 -0.83
C7 PQ3 B . -1.21 -2.19 2.38
C8 PQ3 B . -1.98 -2.92 3.22
C16 PQ3 B . -1.50 -2.31 0.99
C15 PQ3 B . -2.56 -3.14 0.55
C10 PQ3 B . -3.37 -3.91 1.46
C9' PQ3 B . -0.51 2.09 -6.39
N1 PQ3 B . 1.91 0.52 2.92
N2 PQ3 B . -0.16 -1.31 2.78
N3' PQ3 B . -0.70 1.46 -5.05
N2' PQ3 B . 1.05 1.76 -1.75
N1' PQ3 B . 2.55 2.02 0.64
N3 PQ3 B . -2.98 -3.76 2.79
O1' PQ3 B . 2.41 3.21 -2.77
O1 PQ3 B . 0.26 -2.01 4.86
HH PQ3 B . 2.08 -0.71 6.08
HJ PQ3 B . 3.92 0.95 6.22
HK PQ3 B . 5.30 2.69 5.12
HI1 PQ3 B . -4.71 -4.68 3.65
HI2 PQ3 B . -3.57 -4.06 4.83
HI3 PQ3 B . -3.18 -5.53 3.94
HE PQ3 B . -4.09 -4.00 -2.40
HK' PQ3 B . 5.88 3.99 3.11
HJ' PQ3 B . 5.50 4.56 0.76
HH' PQ3 B . 4.25 4.19 -1.36
HF PQ3 B . -5.49 -5.34 -0.84
HB' PQ3 B . -1.28 0.54 -1.39
HC' PQ3 B . 1.12 2.31 -4.42
HD' PQ3 B . -3.29 -0.62 -1.98
HG PQ3 B . -5.00 -5.33 1.57
HG' PQ3 B . -2.61 0.29 -6.81
HE' PQ3 B . -4.89 -1.50 -3.65
HF' PQ3 B . -4.53 -1.08 -6.07
HD PQ3 B . -2.21 -2.65 -1.54
HC PQ3 B . -1.79 -2.85 4.28
HB PQ3 B . -0.91 -1.75 0.27
HI2' PQ3 B . -0.86 1.45 -7.18
HI3' PQ3 B . 0.56 2.29 -6.57
HI1' PQ3 B . -1.04 3.05 -6.42
HA PQ3 B . 0.14 -0.67 2.06
HA' PQ3 B . 0.86 1.30 -0.87
C4 PQ3 B . 2.26 0.21 5.63
C5 PQ3 B . 1.63 0.02 4.35
C3 PQ3 B . 3.29 1.15 5.75
C2 PQ3 B . 3.70 1.87 4.62
C17 PQ3 B . 3.04 1.64 3.36
C17' PQ3 B . 3.48 2.35 2.20
C2' PQ3 B . 4.57 3.29 2.35
C1 PQ3 B . 4.75 2.81 4.71
C9 PQ3 B . -3.55 -4.37 4.12
C13 PQ3 B . -3.62 -3.93 -1.10
C5' PQ3 B . 3.30 2.81 -0.12
C6 PQ3 B . 0.55 -0.98 4.26
C1' PQ3 B . 5.18 3.51 3.59
C3' PQ3 B . 5.01 3.98 1.20
C4' PQ3 B . 4.39 3.74 -0.04
C6' PQ3 B . 2.66 2.64 -1.43
C12 PQ3 B . -4.48 -4.62 -0.22
C7' PQ3 B . 0.75 1.48 -2.59
C16' PQ3 B . -0.45 0.75 -2.33
C15' PQ3 B . -1.29 0.33 -3.37
C10' PQ3 B . -1.02 0.61 -4.76
C8' PQ3 B . 0.97 1.78 -3.90
C14' PQ3 B . -2.44 -0.43 -3.04
C11 PQ3 B . -4.26 -4.55 1.17
C11' PQ3 B . -1.90 0.10 -5.74
C13' PQ3 B . -3.30 -0.92 -4.03
C12' PQ3 B . -3.02 -0.68 -5.39
C14 PQ3 B . -2.56 -3.16 -0.58
C7 PQ3 B . -1.09 -2.01 2.66
C8 PQ3 B . -1.89 -2.71 3.49
C16 PQ3 B . -1.30 -2.20 1.27
C15 PQ3 B . -2.34 -3.04 0.81
C10 PQ3 B . -3.22 -3.76 1.71
C9' PQ3 B . 0.40 2.04 -6.25
N1 PQ3 B . 2.04 0.73 3.27
N2 PQ3 B . -0.07 -1.11 3.08
N3' PQ3 B . 0.11 1.44 -4.92
N2' PQ3 B . 1.60 1.81 -1.50
N1' PQ3 B . 2.88 2.16 1.00
N3 PQ3 B . -2.86 -3.59 3.06
O1' PQ3 B . 3.05 3.23 -2.45
O1 PQ3 B . 0.23 -1.70 5.21
HH PQ3 B . 1.93 -0.34 6.50
HJ PQ3 B . 3.77 1.31 6.71
HK PQ3 B . 5.25 2.98 5.67
HI1 PQ3 B . -4.62 -4.40 3.94
HI2 PQ3 B . -3.38 -3.94 5.11
HI3 PQ3 B . -3.16 -5.40 4.11
HE PQ3 B . -3.77 -4.01 -2.16
HK' PQ3 B . 6.00 4.22 3.67
HJ' PQ3 B . 5.82 4.69 1.28
HH' PQ3 B . 4.75 4.25 -0.92
HF PQ3 B . -5.29 -5.21 -0.62
HB' PQ3 B . -0.69 0.51 -1.30
HC' PQ3 B . 1.85 2.34 -4.17
HD' PQ3 B . -2.66 -0.64 -2.00
HG PQ3 B . -4.91 -5.11 1.83
HG' PQ3 B . -1.70 0.27 -6.79
HE' PQ3 B . -4.17 -1.50 -3.75
HF' PQ3 B . -3.68 -1.07 -6.15
HD PQ3 B . -1.90 -2.67 -1.28
HC PQ3 B . -1.77 -2.59 4.55
HB PQ3 B . -0.67 -1.69 0.56
HI2' PQ3 B . 0.15 1.34 -7.06
HI3' PQ3 B . 1.47 2.27 -6.35
HI1' PQ3 B . -0.16 2.96 -6.38
HA PQ3 B . 0.29 -0.50 2.34
HA' PQ3 B . 1.34 1.39 -0.62
C4 PQ3 B . 2.19 0.14 5.63
C5 PQ3 B . 1.58 -0.02 4.34
C3 PQ3 B . 3.24 1.06 5.80
C2 PQ3 B . 3.68 1.80 4.69
C17 PQ3 B . 3.03 1.61 3.41
C17' PQ3 B . 3.50 2.33 2.28
C2' PQ3 B . 4.59 3.24 2.44
C1 PQ3 B . 4.74 2.72 4.81
C9 PQ3 B . -3.62 -4.33 3.89
C13 PQ3 B . -3.48 -3.87 -1.33
C5' PQ3 B . 3.34 2.82 -0.04
C6 PQ3 B . 0.50 -1.00 4.21
C1' PQ3 B . 5.20 3.43 3.70
C3' PQ3 B . 5.06 3.94 1.31
C4' PQ3 B . 4.46 3.72 0.07
C6' PQ3 B . 2.72 2.66 -1.37
C12 PQ3 B . -4.41 -4.51 -0.48
C7' PQ3 B . 0.81 1.54 -2.57
C16' PQ3 B . -0.41 0.83 -2.33
C15' PQ3 B . -1.22 0.42 -3.40
C10' PQ3 B . -0.91 0.70 -4.78
C8' PQ3 B . 1.06 1.85 -3.87
C14' PQ3 B . -2.37 -0.37 -3.12
C11 PQ3 B . -4.27 -4.42 0.91
C11' PQ3 B . -1.73 0.17 -5.80
C13' PQ3 B . -3.18 -0.87 -4.15
C12' PQ3 B . -2.86 -0.61 -5.48
C14 PQ3 B . -2.42 -3.15 -0.77
C7 PQ3 B . -1.09 -1.98 2.53
C8 PQ3 B . -1.96 -2.64 3.33
C16 PQ3 B . -1.22 -2.21 1.13
C15 PQ3 B . -2.27 -3.01 0.63
C10 PQ3 B . -3.21 -3.69 1.49
C9' PQ3 B . 0.53 2.14 -6.23
N1 PQ3 B . 2.01 0.71 3.30
N2 PQ3 B . -0.08 -1.09 3.00
N3' PQ3 B . 0.21 1.53 -4.91
N2' PQ3 B . 1.65 1.85 -1.45
N1' PQ3 B . 2.90 2.16 1.06
N3 PQ3 B . -2.90 -3.52 2.86
O1' PQ3 B . 3.13 3.26 -2.37
O1 PQ3 B . 0.14 -1.74 5.12
HH PQ3 B . 1.86 -0.44 6.49
HJ PQ3 B . 3.70 1.20 6.77
HK PQ3 B . 5.21 2.87 5.78
HI1 PQ3 B . -3.03 -4.39 4.81
HI2 PQ3 B . -3.77 -5.34 3.52
HI3 PQ3 B . -4.58 -3.88 4.11
HE PQ3 B . -3.59 -3.95 -2.40
HK' PQ3 B . 6.02 4.12 3.80
HJ' PQ3 B . 5.89 4.63 1.39
HH' PQ3 B . 4.83 4.23 -0.81
HF PQ3 B . -5.23 -5.06 -0.92
HB' PQ3 B . -0.69 0.61 -1.32
HC' PQ3 B . 1.97 2.38 -4.12
HD' PQ3 B . -2.62 -0.60 -2.09
HG PQ3 B . -4.97 -4.94 1.54
HG' PQ3 B . -1.49 0.35 -6.84
HE' PQ3 B . -4.06 -1.46 -3.90
HF' PQ3 B . -3.48 -1.01 -6.28
HD PQ3 B . -1.70 -2.68 -1.44
HC PQ3 B . -1.91 -2.49 4.40
HB PQ3 B . -0.53 -1.73 0.45
HI2' PQ3 B . -0.39 2.42 -6.74
HI3' PQ3 B . 1.07 1.41 -6.84
HI1' PQ3 B . 1.14 3.04 -6.11
HA PQ3 B . 0.31 -0.48 2.29
HA' PQ3 B . 1.37 1.42 -0.59
C4 PQ3 B . 2.42 0.33 5.39
C5 PQ3 B . 1.75 0.16 4.12
C3 PQ3 B . 3.46 1.27 5.49
C2 PQ3 B . 3.85 2.00 4.35
C17 PQ3 B . 3.14 1.78 3.11
C17' PQ3 B . 3.54 2.50 1.95
C2' PQ3 B . 4.65 3.41 2.05
C1 PQ3 B . 4.90 2.92 4.42
C9 PQ3 B . -3.29 -4.37 3.87
C13 PQ3 B . -3.44 -3.83 -1.33
C5' PQ3 B . 3.29 2.97 -0.36
C6 PQ3 B . 0.68 -0.86 4.04
C1' PQ3 B . 5.31 3.62 3.28
C3' PQ3 B . 5.07 4.10 0.90
C4' PQ3 B . 4.42 3.87 -0.31
C6' PQ3 B . 2.60 2.82 -1.66
C12 PQ3 B . -4.30 -4.50 -0.45
C7' PQ3 B . 0.63 1.71 -2.77
C16' PQ3 B . -0.54 0.95 -2.47
C15' PQ3 B . -1.41 0.54 -3.49
C10' PQ3 B . -1.19 0.87 -4.88
C8' PQ3 B . 0.79 2.07 -4.06
C14' PQ3 B . -2.52 -0.27 -3.17
C11 PQ3 B . -4.09 -4.44 0.93
C11' PQ3 B . -2.05 0.33 -5.86
C13' PQ3 B . -3.38 -0.77 -4.15
C12' PQ3 B . -3.14 -0.48 -5.50
C14 PQ3 B . -2.38 -3.06 -0.81
C7 PQ3 B . -0.94 -1.89 2.44
C8 PQ3 B . -1.74 -2.61 3.27
C16 PQ3 B . -1.13 -2.10 1.04
C15 PQ3 B . -2.16 -2.94 0.58
C10 PQ3 B . -3.03 -3.68 1.47
C9' PQ3 B . 0.11 2.40 -6.37
N1 PQ3 B . 2.13 0.88 3.04
N2 PQ3 B . 0.05 -0.96 2.86
N3' PQ3 B . -0.11 1.75 -5.06
N2' PQ3 B . 1.53 2.03 -1.69
N1' PQ3 B . 2.90 2.33 0.76
N3 PQ3 B . -2.66 -3.53 2.82
O1' PQ3 B . 2.99 3.39 -2.68
O1 PQ3 B . 0.39 -1.60 4.97
HH PQ3 B . 2.12 -0.24 6.25
HJ PQ3 B . 3.96 1.41 6.43
HK PQ3 B . 5.42 3.08 5.36
HI1 PQ3 B . -3.53 -5.37 3.48
HI2 PQ3 B . -4.20 -3.90 4.24
HI3 PQ3 B . -2.62 -4.51 4.72
HE PQ3 B . -3.59 -3.88 -2.40
HK' PQ3 B . 6.14 4.31 3.34
HJ' PQ3 B . 5.90 4.80 0.95
HH' PQ3 B . 4.75 4.36 -1.21
HF PQ3 B . -5.12 -5.10 -0.86
HB' PQ3 B . -0.75 0.68 -1.45
HC' PQ3 B . 1.64 2.66 -4.35
HD' PQ3 B . -2.71 -0.53 -2.14
HG PQ3 B . -4.74 -5.00 1.58
HG' PQ3 B . -1.88 0.55 -6.91
HE' PQ3 B . -4.22 -1.40 -3.88
HF' PQ3 B . -3.79 -0.88 -6.27
HD PQ3 B . -1.71 -2.55 -1.50
HC PQ3 B . -1.63 -2.48 4.34
HB PQ3 B . -0.50 -1.57 0.33
HI2' PQ3 B . 0.69 1.73 -7.02
HI3' PQ3 B . 0.66 3.35 -6.26
HI1' PQ3 B . -0.84 2.63 -6.86
HA PQ3 B . 0.37 -0.32 2.14
HA' PQ3 B . 1.28 1.61 -0.80
C4 PQ3 B . 2.12 0.15 5.25
C5 PQ3 B . 1.44 -0.01 3.99
C3 PQ3 B . 3.18 1.06 5.36
C2 PQ3 B . 3.57 1.80 4.23
C17 PQ3 B . 2.86 1.60 2.98
C17' PQ3 B . 3.27 2.33 1.83
C2' PQ3 B . 4.40 3.22 1.94
C1 PQ3 B . 4.65 2.70 4.30
C9 PQ3 B . -3.82 -4.30 3.80
C13 PQ3 B . -3.96 -3.81 -1.40
C5' PQ3 B . 3.01 2.83 -0.48
C6 PQ3 B . 0.36 -1.00 3.91
C1' PQ3 B . 5.07 3.41 3.16
C3' PQ3 B . 4.83 3.92 0.79
C4' PQ3 B . 4.16 3.71 -0.42
C6' PQ3 B . 2.32 2.71 -1.77
C12 PQ3 B . -4.80 -4.51 -0.51
C7' PQ3 B . 0.31 1.66 -2.87
C16' PQ3 B . -0.88 0.94 -2.58
C15' PQ3 B . -1.77 0.54 -3.60
C10' PQ3 B . -1.55 0.86 -4.99
C8' PQ3 B . 0.48 2.01 -4.17
C14' PQ3 B . -2.90 -0.24 -3.26
C11 PQ3 B . -4.56 -4.45 0.86
C11' PQ3 B . -2.43 0.33 -5.96
C13' PQ3 B . -3.78 -0.71 -4.23
C12' PQ3 B . -3.54 -0.45 -5.59
C14 PQ3 B . -2.88 -3.05 -0.90
C7 PQ3 B . -1.33 -1.96 2.33
C8 PQ3 B . -2.14 -2.65 3.17
C16 PQ3 B . -1.58 -2.13 0.94
C15 PQ3 B . -2.65 -2.95 0.49
C10 PQ3 B . -3.51 -3.67 1.40
C9' PQ3 B . -0.18 2.37 -6.48
N1 PQ3 B . 1.83 0.72 2.92
N2 PQ3 B . -0.29 -1.07 2.74
N3' PQ3 B . -0.43 1.71 -5.17
N2' PQ3 B . 1.21 1.95 -1.80
N1' PQ3 B . 2.62 2.17 0.64
N3 PQ3 B . -3.13 -3.51 2.75
O1' PQ3 B . 2.70 3.28 -2.79
O1 PQ3 B . 0.05 -1.73 4.85
HH PQ3 B . 1.81 -0.42 6.12
HJ PQ3 B . 3.69 1.19 6.31
HK PQ3 B . 5.18 2.84 5.24
HI1 PQ3 B . -3.44 -4.07 4.79
HI2 PQ3 B . -3.68 -5.36 3.61
HI3 PQ3 B . -4.89 -4.08 3.79
HE PQ3 B . -4.12 -3.88 -2.46
HK' PQ3 B . 5.91 4.08 3.23
HJ' PQ3 B . 5.67 4.58 0.84
HH' PQ3 B . 4.49 4.21 -1.31
HF PQ3 B . -5.61 -5.10 -0.90
HB' PQ3 B . -1.09 0.67 -1.55
HC' PQ3 B . 1.35 2.57 -4.46
HD' PQ3 B . -3.08 -0.48 -2.22
HG PQ3 B . -5.19 -5.02 1.54
HG' PQ3 B . -2.26 0.52 -7.01
HE' PQ3 B . -4.64 -1.31 -3.94
HF' PQ3 B . -4.22 -0.83 -6.34
HD PQ3 B . -2.23 -2.55 -1.60
HC PQ3 B . -2.01 -2.53 4.23
HB PQ3 B . -0.96 -1.61 0.23
HI2' PQ3 B . -0.94 2.15 -7.22
HI3' PQ3 B . 0.79 2.05 -6.87
HI1' PQ3 B . -0.16 3.45 -6.34
HA PQ3 B . 0.06 -0.47 2.01
HA' PQ3 B . 0.95 1.52 -0.92
C4 PQ3 B . 2.53 0.44 5.41
C5 PQ3 B . 1.84 0.26 4.15
C3 PQ3 B . 3.57 1.37 5.50
C2 PQ3 B . 3.94 2.10 4.36
C17 PQ3 B . 3.23 1.89 3.13
C17' PQ3 B . 3.63 2.60 1.96
C2' PQ3 B . 4.74 3.51 2.05
C1 PQ3 B . 5.00 3.02 4.42
C9 PQ3 B . -3.32 -4.16 3.95
C13 PQ3 B . -3.38 -3.71 -1.27
C5' PQ3 B . 3.36 3.08 -0.35
C6 PQ3 B . 0.79 -0.75 4.08
C1' PQ3 B . 5.41 3.72 3.28
C3' PQ3 B . 5.17 4.19 0.90
C4' PQ3 B . 4.50 3.96 -0.31
C6' PQ3 B . 2.67 2.94 -1.65
C12 PQ3 B . -4.17 -4.48 -0.41
C7' PQ3 B . 0.68 1.87 -2.76
C16' PQ3 B . -0.49 1.10 -2.48
C15' PQ3 B . -1.35 0.70 -3.51
C10' PQ3 B . -1.14 1.06 -4.90
C8' PQ3 B . 0.84 2.25 -4.05
C14' PQ3 B . -2.46 -0.11 -3.18
C11 PQ3 B . -3.93 -4.43 0.98
C11' PQ3 B . -2.01 0.53 -5.88
C13' PQ3 B . -3.32 -0.60 -4.18
C12' PQ3 B . -3.09 -0.29 -5.53
C14 PQ3 B . -2.37 -2.88 -0.75
C7 PQ3 B . -0.87 -1.78 2.49
C8 PQ3 B . -1.64 -2.52 3.31
C16 PQ3 B . -1.13 -1.92 1.10
C15 PQ3 B . -2.14 -2.79 0.63
C10 PQ3 B . -2.94 -3.58 1.53
C9' PQ3 B . 0.16 2.62 -6.35
N1 PQ3 B . 2.22 0.98 3.07
N2 PQ3 B . 0.15 -0.87 2.90
N3' PQ3 B . -0.06 1.94 -5.05
N2' PQ3 B . 1.57 2.18 -1.68
N1' PQ3 B . 2.97 2.43 0.78
N3 PQ3 B . -2.61 -3.39 2.89
O1' PQ3 B . 3.07 3.50 -2.67
O1 PQ3 B . 0.48 -1.48 5.03
HH PQ3 B . 2.23 -0.13 6.28
HJ PQ3 B . 4.09 1.52 6.44
HK PQ3 B . 5.54 3.17 5.35
HI1 PQ3 B . -4.37 -4.29 3.70
HI2 PQ3 B . -3.27 -3.63 4.90
HI3 PQ3 B . -2.85 -5.14 4.06
HE PQ3 B . -3.54 -3.76 -2.34
HK' PQ3 B . 6.24 4.40 3.32
HJ' PQ3 B . 6.00 4.87 0.94
HH' PQ3 B . 4.84 4.45 -1.21
HF PQ3 B . -4.93 -5.14 -0.81
HB' PQ3 B . -0.69 0.81 -1.46
HC' PQ3 B . 1.69 2.85 -4.33
HD' PQ3 B . -2.64 -0.38 -2.16
HG PQ3 B . -4.52 -5.07 1.62
HG' PQ3 B . -1.84 0.75 -6.92
HE' PQ3 B . -4.16 -1.22 -3.90
HF' PQ3 B . -3.75 -0.69 -6.29
HD PQ3 B . -1.75 -2.33 -1.44
HC PQ3 B . -1.48 -2.44 4.38
HB PQ3 B . -0.53 -1.35 0.38
HI2' PQ3 B . 0.54 3.64 -6.19
HI3' PQ3 B . -0.76 2.71 -6.92
HI1' PQ3 B . 0.90 2.07 -6.94
HA PQ3 B . 0.49 -0.27 2.16
HA' PQ3 B . 1.30 1.77 -0.80
C4 PQ3 B . 2.00 -0.14 5.55
C5 PQ3 B . 1.36 -0.20 4.27
C3 PQ3 B . 3.08 0.73 5.76
C2 PQ3 B . 3.54 1.51 4.69
C17 PQ3 B . 2.87 1.41 3.41
C17' PQ3 B . 3.35 2.21 2.32
C2' PQ3 B . 4.47 3.08 2.53
C1 PQ3 B . 4.63 2.38 4.86
C9 PQ3 B . -4.14 -4.08 3.87
C13 PQ3 B . -4.04 -3.69 -1.35
C5' PQ3 B . 3.20 2.87 0.04
C6 PQ3 B . 0.23 -1.12 4.11
C1' PQ3 B . 5.09 3.16 3.79
C3' PQ3 B . 4.95 3.85 1.46
C4' PQ3 B . 4.34 3.74 0.21
C6' PQ3 B . 2.57 2.83 -1.30
C12 PQ3 B . -5.00 -4.26 -0.49
C7' PQ3 B . 0.69 1.77 -2.59
C16' PQ3 B . -0.50 1.00 -2.43
C15' PQ3 B . -1.25 0.59 -3.54
C10' PQ3 B . -0.92 0.96 -4.90
C8' PQ3 B . 0.97 2.15 -3.87
C14' PQ3 B . -2.37 -0.25 -3.33
C11 PQ3 B . -4.82 -4.18 0.90
C11' PQ3 B . -1.68 0.45 -5.96
C13' PQ3 B . -3.13 -0.74 -4.41
C12' PQ3 B . -2.78 -0.40 -5.73
C14 PQ3 B . -2.92 -3.02 -0.82
C7 PQ3 B . -1.47 -1.94 2.46
C8 PQ3 B . -2.37 -2.55 3.28
C16 PQ3 B . -1.64 -2.15 1.07
C15 PQ3 B . -2.74 -2.90 0.58
C10 PQ3 B . -3.72 -3.51 1.46
C9' PQ3 B . 0.50 2.51 -6.24
N1 PQ3 B . 1.81 0.57 3.25
N2 PQ3 B . -0.40 -1.12 2.92
N3' PQ3 B . 0.17 1.85 -4.95
N2' PQ3 B . 1.49 2.04 -1.44
N1' PQ3 B . 2.75 2.14 1.10
N3 PQ3 B . -3.37 -3.36 2.82
O1' PQ3 B . 2.98 3.50 -2.23
O1 PQ3 B . -0.14 -1.89 4.99
HH PQ3 B . 1.63 -0.75 6.38
HJ PQ3 B . 3.56 0.78 6.72
HK PQ3 B . 5.13 2.45 5.82
HI1 PQ3 B . -3.50 -4.31 4.73
HI2 PQ3 B . -4.53 -5.04 3.49
HI3 PQ3 B . -4.98 -3.48 4.21
HE PQ3 B . -4.17 -3.77 -2.41
HK' PQ3 B . 5.95 3.82 3.93
HJ' PQ3 B . 5.79 4.51 1.60
HH' PQ3 B . 4.71 4.32 -0.62
HF PQ3 B . -5.86 -4.77 -0.91
HB' PQ3 B . -0.80 0.70 -1.43
HC' PQ3 B . 1.85 2.74 -4.06
HD' PQ3 B . -2.64 -0.55 -2.33
HG PQ3 B . -5.55 -4.64 1.54
HG' PQ3 B . -1.43 0.69 -6.98
HE' PQ3 B . -3.98 -1.38 -4.22
HF' PQ3 B . -3.36 -0.79 -6.55
HD PQ3 B . -2.19 -2.61 -1.49
HC PQ3 B . -2.28 -2.41 4.34
HB PQ3 B . -0.94 -1.71 0.37
HI2' PQ3 B . 1.44 3.07 -6.17
HI3' PQ3 B . -0.29 3.20 -6.52
HI1' PQ3 B . 0.62 1.76 -7.03
HA PQ3 B . -0.02 -0.50 2.22
HA' PQ3 B . 1.21 1.54 -0.61
C4 PQ3 B . 2.21 0.11 5.22
C5 PQ3 B . 1.51 -0.07 3.97
C3 PQ3 B . 3.28 1.01 5.28
C2 PQ3 B . 3.66 1.71 4.13
C17 PQ3 B . 2.92 1.51 2.91
C17' PQ3 B . 3.31 2.22 1.73
C2' PQ3 B . 4.43 3.10 1.79
C1 PQ3 B . 4.75 2.60 4.16
C9 PQ3 B . -3.60 -4.53 3.89
C13 PQ3 B . -4.02 -3.88 -1.28
C5' PQ3 B . 2.99 2.69 -0.57
C6 PQ3 B . 0.42 -1.06 3.93
C1' PQ3 B . 5.14 3.28 3.00
C3' PQ3 B . 4.84 3.76 0.63
C4' PQ3 B . 4.15 3.55 -0.56
C6' PQ3 B . 2.26 2.55 -1.85
C12 PQ3 B . -4.85 -4.53 -0.37
C7' PQ3 B . 0.21 1.49 -2.87
C16' PQ3 B . -0.98 0.78 -2.52
C15' PQ3 B . -1.89 0.37 -3.51
C10' PQ3 B . -1.72 0.67 -4.91
C8' PQ3 B . 0.34 1.82 -4.18
C14' PQ3 B . -3.02 -0.38 -3.12
C11 PQ3 B . -4.57 -4.50 1.01
C11' PQ3 B . -2.64 0.15 -5.84
C13' PQ3 B . -3.94 -0.87 -4.06
C12' PQ3 B . -3.74 -0.62 -5.43
C14 PQ3 B . -2.91 -3.15 -0.81
C7 PQ3 B . -1.27 -2.07 2.37
C8 PQ3 B . -2.04 -2.79 3.24
C16 PQ3 B . -1.54 -2.25 0.99
C15 PQ3 B . -2.62 -3.06 0.57
C10 PQ3 B . -3.46 -3.78 1.50
C9' PQ3 B . -0.39 2.09 -6.48
N1 PQ3 B . 1.88 0.63 2.88
N2 PQ3 B . -0.24 -1.17 2.77
N3' PQ3 B . -0.60 1.49 -5.14
N2' PQ3 B . 1.14 1.80 -1.83
N1' PQ3 B . 2.62 2.05 0.57
N3 PQ3 B . -3.01 -3.67 2.83
O1' PQ3 B . 2.62 3.10 -2.89
O1 PQ3 B . 0.12 -1.77 4.88
HH PQ3 B . 1.92 -0.45 6.10
HJ PQ3 B . 3.82 1.15 6.21
HK PQ3 B . 5.30 2.75 5.09
HI1 PQ3 B . -3.73 -5.54 3.51
HI2 PQ3 B . -4.57 -4.14 4.19
HI3 PQ3 B . -2.94 -4.58 4.76
HE PQ3 B . -4.22 -3.92 -2.34
HK' PQ3 B . 5.99 3.95 3.04
HJ' PQ3 B . 5.70 4.42 0.65
HH' PQ3 B . 4.47 4.02 -1.48
HF PQ3 B . -5.71 -5.09 -0.73
HB' PQ3 B . -1.16 0.53 -1.48
HC' PQ3 B . 1.20 2.38 -4.49
HD' PQ3 B . -3.19 -0.60 -2.07
HG PQ3 B . -5.21 -5.04 1.69
HG' PQ3 B . -2.50 0.33 -6.89
HE' PQ3 B . -4.79 -1.46 -3.74
HF' PQ3 B . -4.44 -1.01 -6.15
HD PQ3 B . -2.26 -2.66 -1.53
HC PQ3 B . -1.88 -2.69 4.30
HB PQ3 B . -0.93 -1.73 0.26
HI2' PQ3 B . -0.57 1.34 -7.27
HI3' PQ3 B . 0.63 2.46 -6.61
HI1' PQ3 B . -1.09 2.93 -6.63
HA PQ3 B . 0.10 -0.58 2.02
HA' PQ3 B . 0.91 1.40 -0.94
C4 PQ3 B . 2.32 0.23 5.16
C5 PQ3 B . 1.66 0.11 3.87
C3 PQ3 B . 3.33 1.19 5.33
C2 PQ3 B . 3.71 1.99 4.24
C17 PQ3 B . 3.04 1.81 2.97
C17' PQ3 B . 3.46 2.58 1.86
C2' PQ3 B . 4.53 3.53 2.02
C1 PQ3 B . 4.74 2.93 4.38
C9 PQ3 B . -3.38 -4.35 3.26
C13 PQ3 B . -3.32 -3.59 -1.93
C5' PQ3 B . 3.27 3.11 -0.45
C6 PQ3 B . 0.60 -0.90 3.72
C1' PQ3 B . 5.15 3.70 3.28
C3' PQ3 B . 4.98 4.25 0.90
C4' PQ3 B . 4.36 4.03 -0.34
C6' PQ3 B . 2.63 2.97 -1.77
C12 PQ3 B . -4.24 -4.28 -1.13
C7' PQ3 B . 0.72 1.85 -2.95
C16' PQ3 B . -0.49 1.13 -2.71
C15' PQ3 B . -1.32 0.71 -3.78
C10' PQ3 B . -1.02 1.01 -5.16
C8' PQ3 B . 0.96 2.17 -4.25
C14' PQ3 B . -2.44 -0.07 -3.49
C11 PQ3 B . -4.08 -4.29 0.26
C11' PQ3 B . -1.84 0.49 -6.17
C13' PQ3 B . -3.27 -0.58 -4.52
C12' PQ3 B . -2.97 -0.30 -5.86
C14 PQ3 B . -2.26 -2.89 -1.35
C7 PQ3 B . -0.94 -1.87 2.00
C8 PQ3 B . -1.78 -2.60 2.77
C16 PQ3 B . -1.07 -2.03 0.59
C15 PQ3 B . -2.10 -2.83 0.05
C10 PQ3 B . -3.03 -3.57 0.88
C9' PQ3 B . 0.42 2.47 -6.61
N1 PQ3 B . 2.05 0.90 2.84
N2 PQ3 B . 0.03 -0.96 2.50
N3' PQ3 B . 0.11 1.86 -5.28
N2' PQ3 B . 1.57 2.15 -1.86
N1' PQ3 B . 2.85 2.43 0.65
N3 PQ3 B . -2.71 -3.49 2.26
O1' PQ3 B . 3.01 3.59 -2.76
O1 PQ3 B . 0.27 -1.66 4.62
HH PQ3 B . 2.02 -0.41 5.97
HJ PQ3 B . 3.82 1.28 6.29
HK PQ3 B . 5.23 3.07 5.33
HI1 PQ3 B . -2.66 -4.66 4.03
HI2 PQ3 B . -3.77 -5.25 2.79
HI3 PQ3 B . -4.19 -3.82 3.74
HE PQ3 B . -3.43 -3.61 -3.01
HK' PQ3 B . 5.96 4.42 3.38
HJ' PQ3 B . 5.78 4.96 1.00
HH' PQ3 B . 4.73 4.54 -1.22
HF PQ3 B . -5.05 -4.83 -1.59
HB' PQ3 B . -0.77 0.89 -1.70
HC' PQ3 B . 1.86 2.70 -4.50
HD' PQ3 B . -2.68 -0.33 -2.47
HG PQ3 B . -4.78 -4.85 0.86
HG' PQ3 B . -1.62 0.69 -7.21
HE' PQ3 B . -4.14 -1.18 -4.27
HF' PQ3 B . -3.59 -0.70 -6.64
HD PQ3 B . -1.56 -2.38 -1.99
HC PQ3 B . -1.72 -2.52 3.84
HB PQ3 B . -0.40 -1.49 -0.07
HI2' PQ3 B . -0.50 2.77 -7.11
HI3' PQ3 B . 0.95 1.75 -7.23
HI1' PQ3 B . 1.04 3.36 -6.49
HA PQ3 B . 0.40 -0.33 1.81
HA' PQ3 B . 1.31 1.70 -0.99
#